data_3Q53
#
_entry.id   3Q53
#
_cell.length_a   48.982
_cell.length_b   103.588
_cell.length_c   121.967
_cell.angle_alpha   90.00
_cell.angle_beta   90.00
_cell.angle_gamma   90.00
#
_symmetry.space_group_name_H-M   'C 2 2 21'
#
loop_
_entity.id
_entity.type
_entity.pdbx_description
1 polymer 'Serine/threonine-protein kinase PAK 1'
2 non-polymer "ADENOSINE-5'-TRIPHOSPHATE"
3 non-polymer 'MAGNESIUM ION'
4 water water
#
_entity_poly.entity_id   1
_entity_poly.type   'polypeptide(L)'
_entity_poly.pdbx_seq_one_letter_code
;MSDEEILEKLRSIVSVGDPKKKYTRFEKIGQGASGTVYTAMDVATGQEVAIRQMNLQQQPKKELIINEILVMRENKNPNI
VNYLDSYLVGDELWVVMEYLAGGSLTDVVTETCMDEGQIAAVCRECLQALEFLHSNQVIHRDIKSDNILLGMDGSVKLTD
FGFCAQITPEQSKRS(TPO)MVGTPYWMAPEVVTRKAYGPKVDIWSLGIMAIEMIEGEPPYLNENPLRALYLIATNGTPE
LQNPEKLSAIFRDFLNRCLEMDVEKRGSAKELIQHQFLKIAKPLSSLTPLIAAAKEATKNNHLEHHHHHH
;
_entity_poly.pdbx_strand_id   A
#
loop_
_chem_comp.id
_chem_comp.type
_chem_comp.name
_chem_comp.formula
ATP non-polymer ADENOSINE-5'-TRIPHOSPHATE 'C10 H16 N5 O13 P3'
MG non-polymer 'MAGNESIUM ION' 'Mg 2'
#
# COMPACT_ATOMS: atom_id res chain seq x y z
N ASP A 3 7.97 -15.73 23.57
CA ASP A 3 7.45 -14.37 23.56
C ASP A 3 8.27 -13.46 24.45
N GLU A 4 8.93 -14.04 25.44
CA GLU A 4 9.88 -13.28 26.23
C GLU A 4 10.95 -12.79 25.28
N GLU A 5 11.33 -13.66 24.36
CA GLU A 5 12.35 -13.37 23.37
C GLU A 5 11.90 -12.26 22.43
N ILE A 6 10.68 -12.39 21.93
CA ILE A 6 10.10 -11.45 20.98
C ILE A 6 9.95 -10.07 21.61
N LEU A 7 9.48 -10.03 22.85
CA LEU A 7 9.30 -8.79 23.56
C LEU A 7 10.65 -8.11 23.82
N GLU A 8 11.68 -8.92 24.03
CA GLU A 8 13.01 -8.39 24.28
C GLU A 8 13.59 -7.82 23.00
N LYS A 9 13.37 -8.53 21.90
CA LYS A 9 13.74 -8.04 20.58
C LYS A 9 13.06 -6.69 20.29
N LEU A 10 11.76 -6.60 20.58
CA LEU A 10 11.04 -5.34 20.44
C LEU A 10 11.62 -4.24 21.31
N ARG A 11 12.04 -4.60 22.52
CA ARG A 11 12.62 -3.62 23.43
C ARG A 11 13.90 -2.97 22.87
N SER A 12 14.66 -3.75 22.13
CA SER A 12 15.91 -3.28 21.57
C SER A 12 15.66 -2.36 20.36
N ILE A 13 14.54 -2.55 19.69
CA ILE A 13 14.18 -1.77 18.52
C ILE A 13 13.60 -0.42 18.89
N VAL A 14 12.68 -0.41 19.84
CA VAL A 14 11.96 0.83 20.16
C VAL A 14 12.81 1.87 20.90
N SER A 15 12.37 3.12 20.84
CA SER A 15 12.90 4.18 21.71
C SER A 15 12.50 3.92 23.17
N VAL A 16 13.27 4.45 24.10
CA VAL A 16 12.98 4.23 25.51
C VAL A 16 11.93 5.20 26.05
N GLY A 17 11.25 4.75 27.09
CA GLY A 17 10.34 5.60 27.83
C GLY A 17 8.89 5.62 27.34
N ASP A 18 8.15 6.59 27.87
CA ASP A 18 6.72 6.72 27.63
C ASP A 18 6.47 7.84 26.64
N PRO A 19 5.84 7.53 25.51
CA PRO A 19 5.49 8.53 24.50
C PRO A 19 4.36 9.45 24.97
N LYS A 20 3.67 9.08 26.06
CA LYS A 20 2.51 9.84 26.53
C LYS A 20 2.84 11.30 26.78
N LYS A 21 4.08 11.56 27.20
CA LYS A 21 4.54 12.92 27.46
C LYS A 21 4.68 13.65 26.13
N LYS A 22 5.11 12.92 25.11
CA LYS A 22 5.63 13.50 23.88
C LYS A 22 4.59 13.85 22.84
N TYR A 23 3.35 13.42 23.04
CA TYR A 23 2.30 13.64 22.05
C TYR A 23 1.03 14.10 22.74
N THR A 24 0.25 14.94 22.06
CA THR A 24 -0.96 15.51 22.64
C THR A 24 -2.16 15.47 21.70
N ARG A 25 -3.34 15.67 22.26
CA ARG A 25 -4.59 15.79 21.49
C ARG A 25 -4.81 14.60 20.58
N PHE A 26 -4.96 13.42 21.19
CA PHE A 26 -5.22 12.20 20.44
C PHE A 26 -6.62 12.17 19.88
N GLU A 27 -6.73 11.87 18.60
CA GLU A 27 -8.03 11.66 17.98
C GLU A 27 -8.09 10.29 17.28
N LYS A 28 -8.97 9.43 17.77
CA LYS A 28 -9.15 8.11 17.20
C LYS A 28 -9.65 8.18 15.76
N ILE A 29 -8.95 7.52 14.86
CA ILE A 29 -9.34 7.51 13.46
C ILE A 29 -9.49 6.08 12.93
N GLY A 30 -9.19 5.11 13.78
CA GLY A 30 -9.33 3.69 13.46
C GLY A 30 -9.29 2.89 14.75
N GLN A 31 -9.88 1.69 14.76
CA GLN A 31 -9.94 0.91 16.00
C GLN A 31 -9.91 -0.61 15.79
N GLY A 32 -9.73 -1.06 14.56
CA GLY A 32 -9.95 -2.46 14.25
C GLY A 32 -8.76 -3.37 13.96
N ALA A 33 -8.71 -4.48 14.68
CA ALA A 33 -7.87 -5.63 14.33
C ALA A 33 -6.36 -5.42 14.43
N SER A 34 -5.84 -4.49 13.64
CA SER A 34 -4.42 -4.19 13.62
C SER A 34 -4.03 -3.23 14.75
N GLY A 35 -4.95 -3.00 15.69
CA GLY A 35 -4.73 -2.05 16.76
C GLY A 35 -5.58 -0.79 16.59
N THR A 36 -5.38 0.18 17.48
CA THR A 36 -6.06 1.46 17.39
C THR A 36 -5.15 2.49 16.76
N VAL A 37 -5.68 3.29 15.83
CA VAL A 37 -4.90 4.35 15.22
C VAL A 37 -5.43 5.72 15.63
N TYR A 38 -4.53 6.58 16.11
CA TYR A 38 -4.89 7.93 16.49
C TYR A 38 -4.14 8.95 15.66
N THR A 39 -4.76 10.10 15.45
CA THR A 39 -4.06 11.29 15.03
C THR A 39 -3.55 11.96 16.31
N ALA A 40 -2.40 12.61 16.25
CA ALA A 40 -1.88 13.32 17.43
C ALA A 40 -0.83 14.35 17.03
N MET A 41 -0.47 15.23 17.98
CA MET A 41 0.53 16.27 17.70
C MET A 41 1.83 16.05 18.47
N ASP A 42 2.93 16.03 17.74
CA ASP A 42 4.23 15.99 18.36
C ASP A 42 4.38 17.27 19.17
N VAL A 43 4.47 17.11 20.48
CA VAL A 43 4.52 18.24 21.39
C VAL A 43 5.67 19.19 21.09
N ALA A 44 6.79 18.63 20.67
CA ALA A 44 7.99 19.41 20.38
C ALA A 44 7.91 20.12 19.04
N THR A 45 7.81 19.33 17.97
CA THR A 45 7.96 19.83 16.61
C THR A 45 6.71 20.49 16.05
N GLY A 46 5.57 20.16 16.62
CA GLY A 46 4.29 20.62 16.08
C GLY A 46 3.82 19.72 14.95
N GLN A 47 4.70 18.85 14.46
CA GLN A 47 4.33 17.91 13.40
C GLN A 47 3.12 17.10 13.83
N GLU A 48 2.13 16.98 12.95
CA GLU A 48 0.99 16.12 13.22
C GLU A 48 1.36 14.69 12.81
N VAL A 49 1.03 13.73 13.66
CA VAL A 49 1.39 12.33 13.43
C VAL A 49 0.23 11.36 13.54
N ALA A 50 0.44 10.15 13.04
CA ALA A 50 -0.51 9.07 13.25
C ALA A 50 0.17 7.96 14.07
N ILE A 51 -0.49 7.58 15.14
CA ILE A 51 0.04 6.64 16.10
C ILE A 51 -0.88 5.44 16.16
N ARG A 52 -0.31 4.27 15.90
CA ARG A 52 -1.04 3.03 16.04
C ARG A 52 -0.66 2.46 17.38
N GLN A 53 -1.67 2.06 18.16
CA GLN A 53 -1.40 1.40 19.43
C GLN A 53 -1.86 -0.03 19.37
N MET A 54 -0.97 -0.94 19.78
CA MET A 54 -1.31 -2.36 19.79
C MET A 54 -1.09 -2.97 21.15
N ASN A 55 -2.10 -3.71 21.61
CA ASN A 55 -1.94 -4.56 22.76
C ASN A 55 -1.29 -5.87 22.32
N LEU A 56 -0.04 -6.09 22.73
CA LEU A 56 0.73 -7.21 22.19
C LEU A 56 0.20 -8.59 22.57
N GLN A 57 -0.36 -8.73 23.77
CA GLN A 57 -0.84 -10.05 24.19
C GLN A 57 -2.08 -10.45 23.39
N GLN A 58 -2.68 -9.48 22.70
CA GLN A 58 -3.80 -9.75 21.81
C GLN A 58 -3.30 -10.08 20.42
N GLN A 59 -2.08 -9.65 20.10
CA GLN A 59 -1.54 -9.82 18.76
C GLN A 59 -1.05 -11.23 18.52
N PRO A 60 -1.66 -11.91 17.53
CA PRO A 60 -1.39 -13.33 17.22
C PRO A 60 0.04 -13.58 16.76
N LYS A 61 0.54 -12.75 15.86
CA LYS A 61 1.85 -12.97 15.26
C LYS A 61 2.78 -11.75 15.41
N LYS A 62 3.45 -11.68 16.55
CA LYS A 62 4.30 -10.55 16.88
C LYS A 62 5.49 -10.37 15.93
N GLU A 63 6.04 -11.47 15.43
CA GLU A 63 7.18 -11.42 14.54
C GLU A 63 6.91 -10.64 13.26
N LEU A 64 5.65 -10.60 12.85
CA LEU A 64 5.28 -9.84 11.67
C LEU A 64 5.36 -8.35 11.95
N ILE A 65 5.00 -7.96 13.17
CA ILE A 65 5.06 -6.55 13.57
C ILE A 65 6.52 -6.11 13.68
N ILE A 66 7.36 -7.00 14.21
CA ILE A 66 8.79 -6.73 14.24
C ILE A 66 9.33 -6.56 12.82
N ASN A 67 9.02 -7.51 11.95
CA ASN A 67 9.40 -7.42 10.54
C ASN A 67 8.92 -6.11 9.90
N GLU A 68 7.68 -5.73 10.18
CA GLU A 68 7.13 -4.47 9.65
C GLU A 68 7.97 -3.25 10.02
N ILE A 69 8.32 -3.13 11.30
CA ILE A 69 9.08 -1.98 11.77
C ILE A 69 10.49 -1.94 11.19
N LEU A 70 11.16 -3.10 11.17
CA LEU A 70 12.52 -3.19 10.64
C LEU A 70 12.55 -2.83 9.16
N VAL A 71 11.58 -3.33 8.42
CA VAL A 71 11.47 -3.00 6.99
C VAL A 71 11.25 -1.50 6.82
N MET A 72 10.36 -0.92 7.62
CA MET A 72 10.10 0.52 7.46
C MET A 72 11.32 1.35 7.81
N ARG A 73 12.00 0.96 8.89
CA ARG A 73 13.15 1.72 9.37
C ARG A 73 14.24 1.80 8.31
N GLU A 74 14.45 0.71 7.59
CA GLU A 74 15.61 0.63 6.70
C GLU A 74 15.26 0.76 5.21
N ASN A 75 14.01 1.09 4.93
CA ASN A 75 13.62 1.32 3.53
C ASN A 75 12.86 2.64 3.33
N LYS A 76 13.43 3.71 3.87
CA LYS A 76 12.85 5.04 3.76
C LYS A 76 12.85 5.49 2.30
N ASN A 77 11.77 6.16 1.91
CA ASN A 77 11.58 6.55 0.53
C ASN A 77 10.46 7.58 0.46
N PRO A 78 10.60 8.60 -0.40
CA PRO A 78 9.57 9.65 -0.52
C PRO A 78 8.17 9.11 -0.87
N ASN A 79 8.10 7.91 -1.45
CA ASN A 79 6.79 7.32 -1.75
C ASN A 79 6.33 6.22 -0.77
N ILE A 80 6.91 6.24 0.41
CA ILE A 80 6.53 5.33 1.47
C ILE A 80 6.23 6.14 2.72
N VAL A 81 5.07 5.91 3.33
CA VAL A 81 4.72 6.66 4.54
C VAL A 81 5.85 6.55 5.54
N ASN A 82 6.29 7.69 6.06
CA ASN A 82 7.45 7.75 6.93
C ASN A 82 7.18 7.19 8.32
N TYR A 83 7.94 6.17 8.68
CA TYR A 83 7.97 5.63 10.03
C TYR A 83 8.85 6.55 10.88
N LEU A 84 8.27 7.17 11.91
CA LEU A 84 9.03 8.14 12.71
C LEU A 84 9.69 7.52 13.94
N ASP A 85 8.97 6.67 14.65
CA ASP A 85 9.44 6.18 15.94
C ASP A 85 8.52 5.09 16.46
N SER A 86 8.97 4.37 17.48
CA SER A 86 8.15 3.39 18.16
C SER A 86 8.49 3.34 19.65
N TYR A 87 7.53 2.88 20.44
CA TYR A 87 7.66 2.82 21.90
C TYR A 87 7.01 1.55 22.40
N LEU A 88 7.52 1.02 23.50
CA LEU A 88 6.89 -0.14 24.11
C LEU A 88 6.71 0.12 25.60
N VAL A 89 5.46 0.23 26.03
CA VAL A 89 5.12 0.50 27.42
C VAL A 89 4.36 -0.72 27.95
N GLY A 90 5.06 -1.52 28.75
CA GLY A 90 4.56 -2.82 29.13
C GLY A 90 4.15 -3.60 27.89
N ASP A 91 2.86 -3.90 27.83
CA ASP A 91 2.29 -4.68 26.75
C ASP A 91 1.82 -3.80 25.58
N GLU A 92 2.01 -2.50 25.71
CA GLU A 92 1.45 -1.58 24.73
C GLU A 92 2.52 -1.06 23.76
N LEU A 93 2.46 -1.52 22.51
CA LEU A 93 3.38 -1.06 21.48
C LEU A 93 2.80 0.14 20.74
N TRP A 94 3.59 1.19 20.62
CA TRP A 94 3.19 2.37 19.86
C TRP A 94 4.06 2.41 18.62
N VAL A 95 3.45 2.63 17.46
CA VAL A 95 4.21 2.89 16.22
C VAL A 95 3.76 4.21 15.64
N VAL A 96 4.70 5.16 15.56
CA VAL A 96 4.40 6.52 15.15
C VAL A 96 4.81 6.75 13.70
N MET A 97 3.83 7.16 12.90
CA MET A 97 4.00 7.42 11.48
C MET A 97 3.74 8.90 11.22
N GLU A 98 4.23 9.40 10.10
CA GLU A 98 3.83 10.71 9.65
C GLU A 98 2.35 10.63 9.27
N TYR A 99 1.63 11.73 9.46
CA TYR A 99 0.21 11.77 9.16
C TYR A 99 0.00 12.29 7.76
N LEU A 100 -0.74 11.54 6.95
CA LEU A 100 -1.14 12.03 5.63
C LEU A 100 -2.58 12.54 5.69
N ALA A 101 -2.74 13.85 5.54
CA ALA A 101 -4.04 14.50 5.76
C ALA A 101 -4.98 14.41 4.56
N GLY A 102 -4.54 13.72 3.50
CA GLY A 102 -5.32 13.63 2.28
C GLY A 102 -6.21 12.39 2.16
N GLY A 103 -6.30 11.61 3.21
CA GLY A 103 -7.09 10.38 3.16
C GLY A 103 -6.43 9.34 2.26
N SER A 104 -7.21 8.39 1.76
CA SER A 104 -6.64 7.32 0.94
C SER A 104 -7.09 7.41 -0.52
N LEU A 105 -6.37 6.68 -1.39
CA LEU A 105 -6.76 6.57 -2.80
C LEU A 105 -8.18 6.00 -2.90
N THR A 106 -8.51 5.05 -2.04
CA THR A 106 -9.88 4.51 -2.05
C THR A 106 -10.93 5.61 -1.91
N ASP A 107 -10.69 6.58 -1.03
CA ASP A 107 -11.62 7.71 -0.87
C ASP A 107 -11.80 8.42 -2.19
N VAL A 108 -10.67 8.70 -2.83
CA VAL A 108 -10.66 9.41 -4.11
C VAL A 108 -11.39 8.63 -5.21
N VAL A 109 -11.04 7.35 -5.38
CA VAL A 109 -11.62 6.59 -6.49
C VAL A 109 -13.09 6.26 -6.26
N THR A 110 -13.54 6.26 -5.01
CA THR A 110 -14.96 5.99 -4.77
C THR A 110 -15.80 7.25 -4.82
N GLU A 111 -15.18 8.42 -4.63
CA GLU A 111 -15.97 9.65 -4.50
C GLU A 111 -15.81 10.64 -5.65
N THR A 112 -14.77 10.46 -6.45
CA THR A 112 -14.48 11.40 -7.51
C THR A 112 -14.13 10.65 -8.77
N CYS A 113 -13.87 11.40 -9.82
CA CYS A 113 -13.57 10.80 -11.10
C CYS A 113 -12.24 11.33 -11.61
N MET A 114 -11.20 10.51 -11.49
CA MET A 114 -9.85 10.86 -11.95
C MET A 114 -9.74 10.85 -13.46
N ASP A 115 -8.99 11.80 -14.02
CA ASP A 115 -8.68 11.79 -15.45
C ASP A 115 -7.35 11.05 -15.67
N GLU A 116 -6.98 10.82 -16.93
CA GLU A 116 -5.82 9.98 -17.24
C GLU A 116 -4.49 10.55 -16.75
N GLY A 117 -4.35 11.87 -16.86
CA GLY A 117 -3.16 12.56 -16.37
C GLY A 117 -2.98 12.35 -14.88
N GLN A 118 -4.09 12.40 -14.14
CA GLN A 118 -4.08 12.20 -12.71
C GLN A 118 -3.74 10.74 -12.35
N ILE A 119 -4.30 9.81 -13.10
CA ILE A 119 -4.01 8.39 -12.91
C ILE A 119 -2.53 8.05 -13.21
N ALA A 120 -2.00 8.65 -14.26
CA ALA A 120 -0.60 8.45 -14.63
C ALA A 120 0.33 8.94 -13.51
N ALA A 121 0.01 10.10 -12.92
CA ALA A 121 0.78 10.60 -11.79
C ALA A 121 0.77 9.60 -10.62
N VAL A 122 -0.41 9.07 -10.28
CA VAL A 122 -0.50 8.15 -9.15
C VAL A 122 0.24 6.83 -9.43
N CYS A 123 0.05 6.28 -10.63
CA CYS A 123 0.74 5.08 -11.03
C CYS A 123 2.25 5.29 -10.99
N ARG A 124 2.70 6.43 -11.47
CA ARG A 124 4.13 6.72 -11.43
C ARG A 124 4.68 6.67 -10.00
N GLU A 125 4.00 7.35 -9.08
CA GLU A 125 4.50 7.44 -7.69
C GLU A 125 4.54 6.04 -7.05
N CYS A 126 3.46 5.28 -7.29
CA CYS A 126 3.38 3.88 -6.85
C CYS A 126 4.53 3.07 -7.40
N LEU A 127 4.80 3.22 -8.70
CA LEU A 127 5.89 2.50 -9.36
C LEU A 127 7.26 2.89 -8.82
N GLN A 128 7.40 4.13 -8.38
CA GLN A 128 8.66 4.56 -7.79
C GLN A 128 8.87 3.82 -6.46
N ALA A 129 7.81 3.68 -5.68
CA ALA A 129 7.91 2.94 -4.43
C ALA A 129 8.24 1.46 -4.69
N LEU A 130 7.59 0.89 -5.70
CA LEU A 130 7.79 -0.54 -6.03
C LEU A 130 9.18 -0.86 -6.59
N GLU A 131 9.65 -0.06 -7.53
CA GLU A 131 11.00 -0.24 -8.05
C GLU A 131 12.03 -0.19 -6.90
N PHE A 132 11.85 0.77 -6.00
CA PHE A 132 12.74 0.91 -4.86
C PHE A 132 12.66 -0.33 -3.97
N LEU A 133 11.45 -0.73 -3.62
CA LEU A 133 11.24 -1.90 -2.75
C LEU A 133 11.80 -3.17 -3.38
N HIS A 134 11.40 -3.43 -4.63
CA HIS A 134 11.87 -4.61 -5.34
C HIS A 134 13.39 -4.66 -5.50
N SER A 135 14.02 -3.50 -5.66
CA SER A 135 15.48 -3.48 -5.73
C SER A 135 16.12 -3.70 -4.35
N ASN A 136 15.38 -3.43 -3.26
CA ASN A 136 15.85 -3.79 -1.92
C ASN A 136 15.37 -5.14 -1.44
N GLN A 137 14.92 -5.98 -2.36
CA GLN A 137 14.49 -7.34 -2.01
C GLN A 137 13.26 -7.35 -1.11
N VAL A 138 12.36 -6.39 -1.31
CA VAL A 138 11.09 -6.38 -0.56
C VAL A 138 9.88 -6.42 -1.49
N ILE A 139 9.02 -7.43 -1.31
CA ILE A 139 7.74 -7.49 -2.01
C ILE A 139 6.67 -7.03 -1.02
N HIS A 140 5.84 -6.08 -1.43
CA HIS A 140 4.83 -5.53 -0.52
C HIS A 140 3.72 -6.55 -0.22
N ARG A 141 3.17 -7.17 -1.29
CA ARG A 141 2.20 -8.27 -1.21
C ARG A 141 0.76 -7.89 -0.87
N ASP A 142 0.49 -6.63 -0.59
CA ASP A 142 -0.89 -6.26 -0.32
C ASP A 142 -1.18 -4.89 -0.89
N ILE A 143 -0.77 -4.71 -2.14
CA ILE A 143 -0.96 -3.44 -2.82
C ILE A 143 -2.44 -3.29 -3.17
N LYS A 144 -3.03 -2.19 -2.71
CA LYS A 144 -4.44 -1.87 -2.99
C LYS A 144 -4.66 -0.43 -2.60
N SER A 145 -5.75 0.16 -3.10
CA SER A 145 -5.95 1.60 -2.98
C SER A 145 -6.03 2.06 -1.53
N ASP A 146 -6.46 1.16 -0.64
CA ASP A 146 -6.52 1.42 0.80
C ASP A 146 -5.14 1.65 1.41
N ASN A 147 -4.11 1.10 0.78
CA ASN A 147 -2.76 1.24 1.31
C ASN A 147 -1.98 2.34 0.63
N ILE A 148 -2.69 3.13 -0.17
CA ILE A 148 -2.08 4.28 -0.82
C ILE A 148 -2.64 5.53 -0.14
N LEU A 149 -1.82 6.21 0.65
CA LEU A 149 -2.28 7.39 1.38
C LEU A 149 -1.84 8.68 0.69
N LEU A 150 -2.64 9.73 0.83
CA LEU A 150 -2.41 10.96 0.06
C LEU A 150 -2.17 12.15 0.97
N GLY A 151 -1.29 13.06 0.55
CA GLY A 151 -1.14 14.34 1.23
C GLY A 151 -2.08 15.33 0.56
N MET A 152 -2.43 16.40 1.26
CA MET A 152 -3.29 17.43 0.68
C MET A 152 -2.67 18.03 -0.59
N ASP A 153 -1.34 17.95 -0.68
CA ASP A 153 -0.61 18.42 -1.86
C ASP A 153 -0.53 17.42 -3.02
N GLY A 154 -1.22 16.29 -2.89
CA GLY A 154 -1.18 15.28 -3.94
C GLY A 154 -0.04 14.28 -3.80
N SER A 155 0.71 14.35 -2.71
CA SER A 155 1.75 13.36 -2.44
C SER A 155 1.15 11.97 -2.35
N VAL A 156 1.81 10.99 -2.96
CA VAL A 156 1.30 9.63 -2.98
C VAL A 156 2.27 8.74 -2.21
N LYS A 157 1.78 8.04 -1.18
CA LYS A 157 2.67 7.22 -0.36
C LYS A 157 2.07 5.87 0.03
N LEU A 158 2.90 4.84 -0.11
CA LEU A 158 2.56 3.46 0.23
C LEU A 158 2.65 3.18 1.73
N THR A 159 1.68 2.47 2.29
CA THR A 159 1.69 2.08 3.69
C THR A 159 1.39 0.58 3.93
N ASP A 160 1.26 0.17 5.18
CA ASP A 160 0.97 -1.23 5.51
C ASP A 160 1.92 -2.35 5.10
N PHE A 161 3.04 -2.40 5.79
CA PHE A 161 4.10 -3.38 5.59
C PHE A 161 3.97 -4.64 6.46
N GLY A 162 2.83 -4.82 7.06
CA GLY A 162 2.52 -6.01 7.82
C GLY A 162 2.57 -7.32 7.08
N PHE A 163 2.48 -7.29 5.77
CA PHE A 163 2.44 -8.51 4.98
C PHE A 163 3.63 -8.67 4.04
N CYS A 164 4.58 -7.74 4.08
CA CYS A 164 5.68 -7.74 3.11
C CYS A 164 6.60 -8.96 3.28
N ALA A 165 7.30 -9.29 2.21
CA ALA A 165 8.26 -10.38 2.21
C ALA A 165 9.64 -9.83 1.94
N GLN A 166 10.62 -10.27 2.72
CA GLN A 166 12.00 -9.97 2.42
C GLN A 166 12.61 -11.17 1.70
N ILE A 167 12.89 -11.00 0.42
CA ILE A 167 13.41 -12.09 -0.41
C ILE A 167 14.91 -11.98 -0.63
N THR A 168 15.42 -12.79 -1.53
CA THR A 168 16.82 -12.77 -1.91
C THR A 168 16.94 -13.00 -3.42
N PRO A 169 18.07 -12.59 -4.00
CA PRO A 169 18.36 -12.97 -5.38
C PRO A 169 18.40 -14.50 -5.51
N GLU A 170 18.67 -15.18 -4.40
CA GLU A 170 18.66 -16.64 -4.37
C GLU A 170 17.23 -17.19 -4.28
N GLN A 171 16.43 -16.65 -3.36
CA GLN A 171 15.05 -17.07 -3.12
C GLN A 171 14.06 -16.00 -3.54
N SER A 172 13.85 -15.81 -4.84
CA SER A 172 12.96 -14.75 -5.33
C SER A 172 11.48 -15.02 -5.07
N LYS A 173 11.14 -16.23 -4.63
CA LYS A 173 9.73 -16.66 -4.59
C LYS A 173 9.16 -16.91 -3.19
N ARG A 174 7.87 -16.62 -3.02
CA ARG A 174 7.19 -16.82 -1.75
C ARG A 174 5.90 -17.61 -1.95
N SER A 175 5.39 -18.16 -0.87
CA SER A 175 4.16 -18.92 -0.89
C SER A 175 3.07 -18.49 0.03
N TPO A 176 3.34 -17.69 1.03
CA TPO A 176 2.35 -17.41 2.06
CB TPO A 176 2.95 -16.59 3.20
CG2 TPO A 176 2.02 -16.56 4.41
OG1 TPO A 176 4.10 -17.27 3.56
P TPO A 176 5.53 -16.53 3.44
O1P TPO A 176 5.48 -15.07 4.10
O2P TPO A 176 6.56 -17.47 4.26
O3P TPO A 176 5.94 -16.51 2.11
C TPO A 176 1.13 -16.66 1.45
O TPO A 176 1.42 -15.87 0.36
N MET A 177 -0.08 -16.88 1.91
CA MET A 177 -1.22 -16.20 1.34
C MET A 177 -1.40 -15.04 2.24
N VAL A 178 -1.17 -13.84 1.74
CA VAL A 178 -1.30 -12.63 2.55
C VAL A 178 -2.10 -11.53 1.87
N GLY A 179 -2.27 -11.63 0.55
CA GLY A 179 -2.95 -10.57 -0.17
C GLY A 179 -4.43 -10.38 0.13
N THR A 180 -5.03 -9.40 -0.53
CA THR A 180 -6.46 -9.20 -0.54
C THR A 180 -6.98 -9.72 -1.87
N PRO A 181 -7.92 -10.67 -1.84
CA PRO A 181 -8.35 -11.44 -3.02
C PRO A 181 -8.55 -10.64 -4.32
N TYR A 182 -9.33 -9.56 -4.31
CA TYR A 182 -9.60 -8.82 -5.56
C TYR A 182 -8.36 -8.25 -6.24
N TRP A 183 -7.31 -7.97 -5.46
CA TRP A 183 -6.06 -7.41 -6.00
C TRP A 183 -4.97 -8.46 -6.25
N MET A 184 -5.29 -9.72 -6.00
CA MET A 184 -4.32 -10.82 -6.08
C MET A 184 -4.03 -11.27 -7.50
N ALA A 185 -2.75 -11.41 -7.83
CA ALA A 185 -2.35 -11.94 -9.12
C ALA A 185 -2.73 -13.42 -9.22
N PRO A 186 -3.01 -13.90 -10.44
CA PRO A 186 -3.47 -15.28 -10.61
C PRO A 186 -2.53 -16.32 -10.02
N GLU A 187 -1.23 -16.14 -10.23
CA GLU A 187 -0.24 -17.13 -9.79
C GLU A 187 -0.25 -17.31 -8.27
N VAL A 188 -0.78 -16.32 -7.54
CA VAL A 188 -0.89 -16.44 -6.09
C VAL A 188 -1.72 -17.66 -5.71
N VAL A 189 -2.74 -17.98 -6.51
CA VAL A 189 -3.54 -19.18 -6.25
C VAL A 189 -3.33 -20.32 -7.23
N THR A 190 -2.85 -20.04 -8.45
CA THR A 190 -2.71 -21.10 -9.45
C THR A 190 -1.34 -21.76 -9.44
N ARG A 191 -0.40 -21.17 -8.72
CA ARG A 191 0.95 -21.72 -8.68
C ARG A 191 1.38 -21.91 -7.23
N LYS A 192 2.41 -22.73 -7.05
CA LYS A 192 2.92 -23.02 -5.73
C LYS A 192 3.55 -21.76 -5.10
N ALA A 193 4.08 -20.89 -5.95
CA ALA A 193 4.83 -19.71 -5.50
C ALA A 193 4.73 -18.53 -6.46
N TYR A 194 5.19 -17.36 -6.02
CA TYR A 194 5.11 -16.12 -6.80
C TYR A 194 6.28 -15.20 -6.48
N GLY A 195 6.48 -14.16 -7.29
CA GLY A 195 7.58 -13.21 -7.09
C GLY A 195 7.11 -11.77 -6.97
N PRO A 196 8.05 -10.82 -7.10
CA PRO A 196 7.77 -9.39 -6.92
C PRO A 196 6.67 -8.86 -7.87
N LYS A 197 6.48 -9.52 -9.00
CA LYS A 197 5.51 -9.01 -9.97
C LYS A 197 4.06 -9.17 -9.53
N VAL A 198 3.83 -9.78 -8.37
CA VAL A 198 2.48 -9.80 -7.84
C VAL A 198 2.09 -8.36 -7.50
N ASP A 199 3.06 -7.52 -7.11
CA ASP A 199 2.80 -6.11 -6.78
C ASP A 199 2.43 -5.31 -8.02
N ILE A 200 3.02 -5.69 -9.16
CA ILE A 200 2.73 -5.07 -10.44
C ILE A 200 1.29 -5.37 -10.89
N TRP A 201 0.89 -6.62 -10.75
CA TRP A 201 -0.51 -6.98 -11.01
C TRP A 201 -1.47 -6.17 -10.14
N SER A 202 -1.16 -6.07 -8.84
CA SER A 202 -2.00 -5.32 -7.89
C SER A 202 -2.12 -3.85 -8.29
N LEU A 203 -1.01 -3.29 -8.78
CA LEU A 203 -1.01 -1.93 -9.32
C LEU A 203 -1.97 -1.83 -10.50
N GLY A 204 -1.91 -2.82 -11.40
CA GLY A 204 -2.85 -2.92 -12.51
C GLY A 204 -4.30 -2.86 -12.06
N ILE A 205 -4.61 -3.62 -11.02
CA ILE A 205 -5.97 -3.62 -10.49
C ILE A 205 -6.33 -2.26 -9.86
N MET A 206 -5.34 -1.59 -9.26
CA MET A 206 -5.57 -0.26 -8.71
C MET A 206 -5.86 0.73 -9.83
N ALA A 207 -5.18 0.57 -10.95
CA ALA A 207 -5.43 1.43 -12.11
C ALA A 207 -6.87 1.25 -12.57
N ILE A 208 -7.32 0.00 -12.55
CA ILE A 208 -8.72 -0.28 -12.85
C ILE A 208 -9.66 0.39 -11.84
N GLU A 209 -9.33 0.32 -10.54
CA GLU A 209 -10.09 1.10 -9.56
C GLU A 209 -10.20 2.57 -9.94
N MET A 210 -9.12 3.14 -10.44
CA MET A 210 -9.07 4.59 -10.72
C MET A 210 -9.92 4.95 -11.95
N ILE A 211 -10.00 4.00 -12.89
CA ILE A 211 -10.81 4.11 -14.10
C ILE A 211 -12.29 3.87 -13.85
N GLU A 212 -12.60 2.82 -13.10
CA GLU A 212 -13.98 2.34 -12.97
C GLU A 212 -14.57 2.45 -11.55
N GLY A 213 -13.74 2.79 -10.57
CA GLY A 213 -14.22 2.97 -9.21
C GLY A 213 -14.12 1.73 -8.32
N GLU A 214 -13.87 0.57 -8.92
CA GLU A 214 -13.76 -0.70 -8.17
C GLU A 214 -12.84 -1.65 -8.91
N PRO A 215 -12.23 -2.60 -8.18
CA PRO A 215 -11.52 -3.72 -8.81
C PRO A 215 -12.52 -4.65 -9.47
N PRO A 216 -12.09 -5.46 -10.45
CA PRO A 216 -13.02 -6.45 -11.03
C PRO A 216 -13.55 -7.40 -9.98
N TYR A 217 -14.78 -7.89 -10.19
CA TYR A 217 -15.39 -8.91 -9.33
C TYR A 217 -15.69 -8.45 -7.89
N LEU A 218 -15.60 -7.15 -7.61
CA LEU A 218 -15.78 -6.66 -6.23
C LEU A 218 -17.07 -7.18 -5.58
N ASN A 219 -18.13 -7.31 -6.35
CA ASN A 219 -19.41 -7.70 -5.82
C ASN A 219 -19.56 -9.22 -5.61
N GLU A 220 -18.61 -9.97 -6.16
CA GLU A 220 -18.56 -11.41 -5.95
C GLU A 220 -17.97 -11.75 -4.58
N ASN A 221 -18.42 -12.87 -4.02
CA ASN A 221 -17.75 -13.46 -2.86
C ASN A 221 -16.27 -13.69 -3.21
N PRO A 222 -15.38 -13.41 -2.26
CA PRO A 222 -13.94 -13.51 -2.52
C PRO A 222 -13.48 -14.86 -3.09
N LEU A 223 -14.21 -15.96 -2.85
CA LEU A 223 -13.79 -17.25 -3.37
C LEU A 223 -14.18 -17.39 -4.83
N ARG A 224 -15.36 -16.89 -5.15
CA ARG A 224 -15.81 -16.84 -6.53
C ARG A 224 -14.86 -15.93 -7.32
N ALA A 225 -14.54 -14.78 -6.73
CA ALA A 225 -13.65 -13.83 -7.36
C ALA A 225 -12.31 -14.48 -7.70
N LEU A 226 -11.76 -15.21 -6.74
CA LEU A 226 -10.46 -15.86 -6.90
C LEU A 226 -10.49 -16.90 -8.00
N TYR A 227 -11.63 -17.56 -8.18
CA TYR A 227 -11.73 -18.54 -9.24
C TYR A 227 -11.78 -17.81 -10.58
N LEU A 228 -12.49 -16.70 -10.61
CA LEU A 228 -12.54 -15.88 -11.82
C LEU A 228 -11.16 -15.32 -12.18
N ILE A 229 -10.45 -14.81 -11.19
CA ILE A 229 -9.10 -14.28 -11.43
C ILE A 229 -8.20 -15.38 -12.00
N ALA A 230 -8.23 -16.55 -11.37
CA ALA A 230 -7.38 -17.67 -11.75
C ALA A 230 -7.66 -18.21 -13.15
N THR A 231 -8.91 -18.14 -13.59
CA THR A 231 -9.27 -18.76 -14.86
C THR A 231 -9.49 -17.75 -15.99
N ASN A 232 -9.97 -16.56 -15.66
CA ASN A 232 -10.23 -15.53 -16.67
C ASN A 232 -8.96 -14.78 -17.04
N GLY A 233 -8.04 -14.68 -16.10
CA GLY A 233 -6.78 -14.01 -16.36
C GLY A 233 -6.91 -12.51 -16.45
N THR A 234 -6.37 -11.93 -17.53
CA THR A 234 -6.43 -10.48 -17.76
C THR A 234 -7.87 -10.01 -17.65
N PRO A 235 -8.17 -9.18 -16.64
CA PRO A 235 -9.55 -8.77 -16.38
C PRO A 235 -10.10 -8.00 -17.58
N GLU A 236 -11.42 -7.91 -17.69
CA GLU A 236 -12.00 -7.14 -18.77
C GLU A 236 -12.40 -5.74 -18.30
N LEU A 237 -12.37 -4.80 -19.23
CA LEU A 237 -12.70 -3.40 -18.96
C LEU A 237 -14.12 -3.03 -19.44
N GLN A 238 -14.76 -2.09 -18.75
CA GLN A 238 -16.10 -1.66 -19.11
C GLN A 238 -16.15 -0.95 -20.47
N ASN A 239 -15.35 0.10 -20.61
CA ASN A 239 -15.32 0.88 -21.86
C ASN A 239 -13.89 1.05 -22.30
N PRO A 240 -13.30 -0.02 -22.87
CA PRO A 240 -11.89 0.05 -23.25
C PRO A 240 -11.63 1.15 -24.27
N GLU A 241 -12.60 1.39 -25.15
CA GLU A 241 -12.43 2.34 -26.24
C GLU A 241 -12.39 3.79 -25.76
N LYS A 242 -12.89 4.05 -24.56
CA LYS A 242 -12.81 5.37 -23.96
C LYS A 242 -11.39 5.73 -23.50
N LEU A 243 -10.56 4.70 -23.31
CA LEU A 243 -9.19 4.90 -22.82
C LEU A 243 -8.18 5.20 -23.94
N SER A 244 -7.15 5.98 -23.64
CA SER A 244 -6.11 6.24 -24.62
C SER A 244 -5.39 4.93 -24.93
N ALA A 245 -4.82 4.85 -26.13
CA ALA A 245 -4.06 3.67 -26.53
C ALA A 245 -2.88 3.43 -25.58
N ILE A 246 -2.22 4.50 -25.14
CA ILE A 246 -1.05 4.35 -24.29
C ILE A 246 -1.44 3.81 -22.92
N PHE A 247 -2.58 4.25 -22.39
CA PHE A 247 -3.08 3.75 -21.10
C PHE A 247 -3.46 2.28 -21.20
N ARG A 248 -4.12 1.92 -22.30
CA ARG A 248 -4.53 0.54 -22.48
C ARG A 248 -3.31 -0.35 -22.53
N ASP A 249 -2.26 0.11 -23.20
CA ASP A 249 -1.03 -0.67 -23.30
C ASP A 249 -0.40 -0.84 -21.91
N PHE A 250 -0.32 0.25 -21.16
CA PHE A 250 0.17 0.22 -19.78
C PHE A 250 -0.60 -0.81 -18.94
N LEU A 251 -1.93 -0.75 -18.97
CA LEU A 251 -2.74 -1.73 -18.27
C LEU A 251 -2.39 -3.17 -18.66
N ASN A 252 -2.27 -3.42 -19.97
CA ASN A 252 -1.96 -4.75 -20.46
C ASN A 252 -0.60 -5.27 -19.96
N ARG A 253 0.39 -4.38 -19.85
CA ARG A 253 1.71 -4.77 -19.33
C ARG A 253 1.67 -5.14 -17.85
N CYS A 254 0.82 -4.47 -17.09
CA CYS A 254 0.66 -4.73 -15.66
C CYS A 254 -0.12 -6.02 -15.42
N LEU A 255 -1.04 -6.31 -16.32
CA LEU A 255 -2.03 -7.35 -16.09
C LEU A 255 -1.83 -8.54 -17.03
N GLU A 256 -0.61 -8.75 -17.46
CA GLU A 256 -0.25 -9.95 -18.18
C GLU A 256 -0.39 -11.19 -17.33
N MET A 257 -0.96 -12.20 -17.94
CA MET A 257 -1.10 -13.47 -17.23
C MET A 257 0.23 -14.16 -17.07
N ASP A 258 1.00 -14.13 -18.16
CA ASP A 258 2.34 -14.68 -18.20
C ASP A 258 3.30 -13.77 -17.44
N VAL A 259 3.63 -14.18 -16.21
CA VAL A 259 4.53 -13.45 -15.33
C VAL A 259 5.79 -12.93 -16.03
N GLU A 260 6.36 -13.74 -16.90
CA GLU A 260 7.60 -13.37 -17.56
C GLU A 260 7.35 -12.20 -18.49
N LYS A 261 6.12 -12.10 -18.97
CA LYS A 261 5.74 -11.09 -19.93
C LYS A 261 5.28 -9.80 -19.25
N ARG A 262 4.74 -9.93 -18.05
CA ARG A 262 4.29 -8.78 -17.26
C ARG A 262 5.50 -7.90 -16.99
N GLY A 263 5.31 -6.58 -17.04
CA GLY A 263 6.39 -5.67 -16.77
C GLY A 263 6.93 -5.76 -15.34
N SER A 264 8.22 -5.52 -15.18
CA SER A 264 8.77 -5.35 -13.84
C SER A 264 8.58 -3.88 -13.51
N ALA A 265 8.80 -3.52 -12.25
CA ALA A 265 8.69 -2.11 -11.84
C ALA A 265 9.68 -1.24 -12.63
N LYS A 266 10.91 -1.73 -12.73
CA LYS A 266 11.97 -1.01 -13.44
C LYS A 266 11.59 -0.77 -14.91
N GLU A 267 11.00 -1.78 -15.56
CA GLU A 267 10.51 -1.62 -16.93
C GLU A 267 9.36 -0.61 -17.03
N LEU A 268 8.39 -0.70 -16.11
CA LEU A 268 7.18 0.11 -16.22
C LEU A 268 7.38 1.61 -15.92
N ILE A 269 8.44 1.87 -15.21
CA ILE A 269 8.90 3.19 -14.87
C ILE A 269 9.25 3.97 -16.15
N GLN A 270 9.63 3.26 -17.18
CA GLN A 270 10.02 3.80 -18.48
C GLN A 270 8.81 3.94 -19.40
N HIS A 271 7.66 3.40 -19.01
CA HIS A 271 6.50 3.38 -19.90
C HIS A 271 6.02 4.79 -20.24
N GLN A 272 5.60 5.00 -21.48
CA GLN A 272 5.19 6.33 -21.89
C GLN A 272 3.85 6.82 -21.33
N PHE A 273 3.03 5.90 -20.82
CA PHE A 273 1.81 6.34 -20.13
C PHE A 273 2.13 7.31 -18.98
N LEU A 274 3.21 7.01 -18.23
CA LEU A 274 3.56 7.83 -17.08
C LEU A 274 3.95 9.26 -17.46
N LYS A 275 4.42 9.43 -18.68
CA LYS A 275 4.88 10.73 -19.14
C LYS A 275 3.72 11.68 -19.46
N ILE A 276 2.49 11.19 -19.39
CA ILE A 276 1.35 12.11 -19.52
C ILE A 276 0.92 12.61 -18.15
N ALA A 277 1.61 12.15 -17.11
CA ALA A 277 1.35 12.58 -15.73
C ALA A 277 1.18 14.09 -15.58
N LYS A 278 0.06 14.49 -14.97
CA LYS A 278 -0.10 15.86 -14.48
C LYS A 278 0.73 16.05 -13.21
N PRO A 279 1.00 17.31 -12.83
CA PRO A 279 1.62 17.52 -11.52
C PRO A 279 0.75 16.91 -10.43
N LEU A 280 1.38 16.39 -9.38
CA LEU A 280 0.64 15.80 -8.27
C LEU A 280 -0.38 16.75 -7.67
N SER A 281 -0.07 18.05 -7.71
CA SER A 281 -0.96 19.08 -7.18
C SER A 281 -2.35 19.05 -7.82
N SER A 282 -2.45 18.50 -9.03
CA SER A 282 -3.75 18.41 -9.72
C SER A 282 -4.73 17.52 -8.97
N LEU A 283 -4.21 16.65 -8.11
CA LEU A 283 -5.05 15.75 -7.33
C LEU A 283 -5.74 16.47 -6.17
N THR A 284 -5.23 17.65 -5.81
CA THR A 284 -5.71 18.34 -4.60
C THR A 284 -7.24 18.53 -4.56
N PRO A 285 -7.84 18.97 -5.69
CA PRO A 285 -9.30 19.19 -5.69
C PRO A 285 -10.08 17.88 -5.50
N LEU A 286 -9.63 16.79 -6.08
CA LEU A 286 -10.31 15.52 -5.88
C LEU A 286 -10.18 15.09 -4.41
N ILE A 287 -8.99 15.26 -3.87
CA ILE A 287 -8.68 14.89 -2.50
C ILE A 287 -9.58 15.67 -1.53
N ALA A 288 -9.74 16.97 -1.81
CA ALA A 288 -10.58 17.83 -1.00
C ALA A 288 -12.06 17.43 -1.07
N ALA A 289 -12.55 17.17 -2.27
CA ALA A 289 -13.92 16.69 -2.46
C ALA A 289 -14.17 15.35 -1.78
N ALA A 290 -13.26 14.39 -1.98
CA ALA A 290 -13.38 13.08 -1.32
C ALA A 290 -13.40 13.22 0.20
N LYS A 291 -12.54 14.09 0.73
CA LYS A 291 -12.43 14.28 2.16
C LYS A 291 -13.78 14.77 2.70
N GLU A 292 -14.33 15.78 2.04
CA GLU A 292 -15.64 16.30 2.39
C GLU A 292 -16.74 15.24 2.34
N ALA A 293 -16.88 14.58 1.19
CA ALA A 293 -17.88 13.53 1.01
C ALA A 293 -17.70 12.42 2.03
N THR A 294 -16.48 12.31 2.55
CA THR A 294 -16.12 11.22 3.44
C THR A 294 -16.09 11.68 4.90
PG ATP B . -7.75 -2.88 7.92
O1G ATP B . -8.39 -3.59 6.75
O2G ATP B . -8.74 -2.17 8.80
O3G ATP B . -6.72 -3.70 8.69
PB ATP B . -7.13 -0.14 7.39
O1B ATP B . -8.33 0.12 8.26
O2B ATP B . -7.05 0.50 6.03
O3B ATP B . -6.86 -1.73 7.22
PA ATP B . -5.81 0.70 9.74
O1A ATP B . -4.43 0.46 10.26
O2A ATP B . -6.99 0.08 10.45
O3A ATP B . -5.80 0.27 8.18
O5' ATP B . -6.06 2.27 9.59
C5' ATP B . -7.14 2.91 10.26
C4' ATP B . -7.45 4.24 9.57
O4' ATP B . -6.37 5.14 9.80
C3' ATP B . -7.60 4.07 8.05
O3' ATP B . -8.62 4.98 7.64
C2' ATP B . -6.27 4.57 7.52
O2' ATP B . -6.38 5.12 6.19
C1' ATP B . -5.86 5.62 8.55
N9 ATP B . -4.39 5.78 8.62
C8 ATP B . -3.49 4.81 8.86
N7 ATP B . -2.23 5.31 8.85
C5 ATP B . -2.31 6.63 8.58
C6 ATP B . -1.34 7.74 8.42
N6 ATP B . -0.01 7.50 8.54
N1 ATP B . -1.85 8.97 8.13
C2 ATP B . -3.17 9.19 8.00
N3 ATP B . -4.11 8.23 8.15
C4 ATP B . -3.74 6.94 8.43
MG MG C . -5.21 -2.03 4.75
MG MG D . -3.36 -0.62 6.77
#